data_6II7
#
_entry.id   6II7
#
_cell.length_a   48.605
_cell.length_b   62.553
_cell.length_c   126.703
_cell.angle_alpha   90.000
_cell.angle_beta   90.000
_cell.angle_gamma   90.000
#
_symmetry.space_group_name_H-M   'P 21 21 21'
#
loop_
_entity.id
_entity.type
_entity.pdbx_description
1 polymer 'Adenosine deaminase'
2 non-polymer INOSINE
3 non-polymer HYPOXANTHINE
4 non-polymer 'ZINC ION'
5 water water
#
_entity_poly.entity_id   1
_entity_poly.type   'polypeptide(L)'
_entity_poly.pdbx_seq_one_letter_code
;MNCKNMDTSYEIINYLTKDELDIDLSQMDKKERYKIWKRLPKCELHCHLDVCFSVDFFLNVIRKYNIQPNMSDEEIIDYY
LFSKPGKSLDEFVEKALRLTDIYIDYTVVEDLAKHAVFNKYKEGVVLMEFRYSPSFMSFKHNLDKDLIHEAIVKGLNEAV
ALLEYKIQVGLLCTGDGGLSHERMKEAAEFCIKHKKDFVGYDHAGHEVDLKPFKDIFDNIREEGISISVHAGEDVSIPNL
NSLYTAINLLHVKRIGHGIRVSESQELIDLVKEKDILLEVCPISNVLLNNVKSMDTHPIRMLYDAGVKVSVNSDDPGMFL
TNITDNYEELYTHLNFTLADFMKMNLWAVQKSFVDPDIKNKIISKYF
;
_entity_poly.pdbx_strand_id   A
#
# COMPACT_ATOMS: atom_id res chain seq x y z
N ILE A 13 8.38 6.99 -20.78
CA ILE A 13 8.77 7.80 -19.58
C ILE A 13 10.29 7.85 -19.44
N ASN A 14 10.83 9.07 -19.38
CA ASN A 14 12.27 9.28 -19.27
C ASN A 14 12.65 9.51 -17.80
N TYR A 15 13.03 8.43 -17.12
CA TYR A 15 13.18 8.45 -15.68
C TYR A 15 14.42 9.24 -15.25
N LEU A 16 14.32 9.91 -14.12
CA LEU A 16 15.44 10.62 -13.51
C LEU A 16 16.50 9.63 -13.03
N THR A 17 17.77 9.97 -13.25
CA THR A 17 18.90 9.18 -12.76
C THR A 17 19.45 9.77 -11.46
N LYS A 18 20.34 9.02 -10.81
CA LYS A 18 21.12 9.55 -9.66
C LYS A 18 22.06 10.72 -10.01
N ASP A 19 22.35 10.90 -11.31
CA ASP A 19 23.17 12.01 -11.80
C ASP A 19 22.32 13.23 -12.28
N GLU A 20 21.01 13.23 -12.02
CA GLU A 20 20.11 14.35 -12.41
C GLU A 20 19.31 14.95 -11.24
N LEU A 21 19.77 14.73 -10.00
CA LEU A 21 18.99 15.07 -8.78
C LEU A 21 19.23 16.48 -8.22
N ASP A 22 20.03 17.29 -8.92
CA ASP A 22 20.37 18.66 -8.47
C ASP A 22 19.42 19.72 -9.08
N ILE A 23 18.22 19.32 -9.51
CA ILE A 23 17.27 20.20 -10.20
C ILE A 23 16.71 21.26 -9.25
N ASP A 24 16.63 22.49 -9.76
CA ASP A 24 16.09 23.62 -9.02
C ASP A 24 14.57 23.64 -9.20
N LEU A 25 13.85 23.26 -8.13
CA LEU A 25 12.38 23.17 -8.15
C LEU A 25 11.65 24.44 -7.71
N SER A 26 12.38 25.39 -7.14
CA SER A 26 11.78 26.60 -6.53
C SER A 26 11.03 27.51 -7.50
N GLN A 27 11.42 27.53 -8.77
CA GLN A 27 10.73 28.36 -9.79
C GLN A 27 9.63 27.61 -10.56
N MET A 28 9.50 26.29 -10.33
CA MET A 28 8.46 25.49 -10.98
C MET A 28 7.11 25.71 -10.32
N ASP A 29 6.06 25.69 -11.13
CA ASP A 29 4.67 25.63 -10.64
C ASP A 29 4.27 24.19 -10.30
N LYS A 30 3.08 24.03 -9.73
CA LYS A 30 2.55 22.71 -9.32
C LYS A 30 2.57 21.74 -10.51
N LYS A 31 2.08 22.20 -11.66
CA LYS A 31 2.01 21.37 -12.87
C LYS A 31 3.38 20.83 -13.31
N GLU A 32 4.40 21.69 -13.33
CA GLU A 32 5.75 21.28 -13.74
C GLU A 32 6.41 20.35 -12.72
N ARG A 33 6.08 20.53 -11.44
CA ARG A 33 6.61 19.66 -10.38
C ARG A 33 6.09 18.23 -10.51
N TYR A 34 4.81 18.08 -10.89
CA TYR A 34 4.24 16.74 -11.15
C TYR A 34 4.92 15.97 -12.28
N LYS A 35 5.46 16.66 -13.29
CA LYS A 35 6.32 16.01 -14.30
C LYS A 35 7.56 15.43 -13.64
N ILE A 36 8.18 16.17 -12.72
CA ILE A 36 9.35 15.65 -12.02
C ILE A 36 8.95 14.45 -11.13
N TRP A 37 7.86 14.59 -10.37
CA TRP A 37 7.33 13.50 -9.53
C TRP A 37 7.06 12.23 -10.32
N LYS A 38 6.42 12.39 -11.48
CA LYS A 38 6.15 11.27 -12.39
C LYS A 38 7.47 10.60 -12.84
N ARG A 39 8.46 11.41 -13.19
CA ARG A 39 9.70 10.89 -13.77
C ARG A 39 10.61 10.19 -12.77
N LEU A 40 10.38 10.41 -11.48
CA LEU A 40 11.11 9.67 -10.45
C LEU A 40 10.83 8.18 -10.63
N PRO A 41 11.88 7.33 -10.66
CA PRO A 41 11.65 5.90 -10.71
C PRO A 41 11.18 5.36 -9.37
N LYS A 42 9.89 5.10 -9.24
CA LYS A 42 9.36 4.79 -7.92
C LYS A 42 9.17 3.29 -7.67
N CYS A 43 9.40 2.90 -6.43
CA CYS A 43 9.00 1.60 -5.91
C CYS A 43 7.96 1.89 -4.83
N GLU A 44 6.78 1.29 -5.00
CA GLU A 44 5.68 1.48 -4.06
C GLU A 44 5.38 0.12 -3.41
N LEU A 45 5.41 0.11 -2.07
CA LEU A 45 5.28 -1.10 -1.26
C LEU A 45 3.93 -1.30 -0.59
N HIS A 46 3.16 -0.24 -0.42
CA HIS A 46 1.93 -0.28 0.36
C HIS A 46 0.77 0.37 -0.39
N CYS A 47 0.05 -0.47 -1.12
CA CYS A 47 -1.11 -0.05 -1.88
C CYS A 47 -2.10 -1.21 -2.06
N HIS A 48 -3.33 -1.00 -1.66
CA HIS A 48 -4.33 -2.03 -1.71
C HIS A 48 -4.98 -2.07 -3.08
N LEU A 49 -4.66 -3.13 -3.82
CA LEU A 49 -5.26 -3.43 -5.11
C LEU A 49 -6.79 -3.40 -5.10
N ASP A 50 -7.40 -3.94 -4.05
CA ASP A 50 -8.86 -3.86 -3.79
C ASP A 50 -9.48 -2.52 -4.20
N VAL A 51 -8.85 -1.43 -3.75
CA VAL A 51 -9.32 -0.08 -4.07
C VAL A 51 -8.29 0.71 -4.89
N CYS A 52 -7.64 0.06 -5.82
CA CYS A 52 -6.70 0.74 -6.69
C CYS A 52 -7.38 0.91 -8.04
N PHE A 53 -8.30 1.86 -8.09
CA PHE A 53 -9.08 2.18 -9.31
C PHE A 53 -9.09 3.68 -9.49
N SER A 54 -9.23 4.14 -10.73
CA SER A 54 -9.55 5.55 -11.01
C SER A 54 -11.04 5.83 -10.73
N VAL A 55 -11.38 7.11 -10.62
CA VAL A 55 -12.78 7.51 -10.43
C VAL A 55 -13.66 7.00 -11.58
N ASP A 56 -13.14 7.02 -12.82
CA ASP A 56 -13.93 6.63 -13.98
C ASP A 56 -14.19 5.14 -14.01
N PHE A 57 -13.17 4.36 -13.67
CA PHE A 57 -13.32 2.92 -13.48
C PHE A 57 -14.42 2.61 -12.47
N PHE A 58 -14.36 3.28 -11.32
CA PHE A 58 -15.36 3.06 -10.27
C PHE A 58 -16.76 3.38 -10.78
N LEU A 59 -16.95 4.58 -11.32
CA LEU A 59 -18.27 4.97 -11.85
C LEU A 59 -18.71 4.05 -13.00
N ASN A 60 -17.76 3.60 -13.83
CA ASN A 60 -18.08 2.62 -14.88
C ASN A 60 -18.63 1.30 -14.34
N VAL A 61 -18.11 0.85 -13.21
CA VAL A 61 -18.58 -0.41 -12.62
C VAL A 61 -19.95 -0.20 -11.97
N ILE A 62 -20.10 0.86 -11.19
CA ILE A 62 -21.38 1.20 -10.57
C ILE A 62 -22.51 1.34 -11.60
N ARG A 63 -22.23 1.99 -12.74
CA ARG A 63 -23.22 2.11 -13.82
C ARG A 63 -23.44 0.79 -14.61
N LYS A 64 -22.38 0.16 -15.09
CA LYS A 64 -22.52 -1.12 -15.81
C LYS A 64 -23.39 -2.16 -15.07
N TYR A 65 -23.15 -2.34 -13.78
CA TYR A 65 -23.89 -3.34 -12.98
C TYR A 65 -25.09 -2.74 -12.24
N ASN A 66 -25.45 -1.51 -12.60
CA ASN A 66 -26.67 -0.86 -12.13
C ASN A 66 -26.79 -0.91 -10.60
N ILE A 67 -25.69 -0.58 -9.91
CA ILE A 67 -25.65 -0.71 -8.44
C ILE A 67 -26.33 0.47 -7.74
N GLN A 68 -26.18 1.69 -8.29
CA GLN A 68 -26.84 2.89 -7.74
C GLN A 68 -27.58 3.73 -8.79
N PRO A 69 -28.70 3.18 -9.32
CA PRO A 69 -29.45 3.88 -10.37
C PRO A 69 -30.03 5.24 -9.98
N ASN A 70 -30.42 5.39 -8.70
CA ASN A 70 -30.99 6.66 -8.17
C ASN A 70 -29.97 7.68 -7.59
N MET A 71 -28.68 7.32 -7.56
CA MET A 71 -27.65 8.25 -7.11
C MET A 71 -26.97 8.92 -8.29
N SER A 72 -26.60 10.17 -8.09
CA SER A 72 -25.77 10.89 -9.04
C SER A 72 -24.33 10.45 -8.82
N ASP A 73 -23.44 10.90 -9.70
CA ASP A 73 -22.02 10.59 -9.59
C ASP A 73 -21.40 11.16 -8.31
N GLU A 74 -21.73 12.43 -7.99
CA GLU A 74 -21.26 13.07 -6.75
C GLU A 74 -21.73 12.29 -5.53
N GLU A 75 -22.98 11.85 -5.52
CA GLU A 75 -23.52 11.03 -4.43
C GLU A 75 -22.83 9.66 -4.33
N ILE A 76 -22.56 9.03 -5.46
CA ILE A 76 -21.81 7.77 -5.51
C ILE A 76 -20.45 7.92 -4.82
N ILE A 77 -19.81 9.07 -5.06
CA ILE A 77 -18.50 9.37 -4.47
C ILE A 77 -18.57 9.60 -2.95
N ASP A 78 -19.56 10.37 -2.47
CA ASP A 78 -19.73 10.62 -1.02
C ASP A 78 -20.04 9.32 -0.27
N TYR A 79 -20.82 8.47 -0.90
CA TYR A 79 -21.30 7.23 -0.29
C TYR A 79 -20.24 6.13 -0.19
N TYR A 80 -19.43 5.94 -1.23
CA TYR A 80 -18.48 4.81 -1.32
C TYR A 80 -17.02 5.15 -0.97
N LEU A 81 -16.59 6.34 -1.35
CA LEU A 81 -15.19 6.72 -1.27
C LEU A 81 -14.88 7.51 0.01
N PHE A 82 -13.65 8.01 0.12
CA PHE A 82 -13.13 8.58 1.36
C PHE A 82 -12.21 9.73 0.97
N SER A 83 -12.75 10.65 0.18
CA SER A 83 -11.96 11.67 -0.48
C SER A 83 -11.74 12.91 0.40
N LYS A 84 -12.49 13.02 1.52
CA LYS A 84 -12.43 14.13 2.47
C LYS A 84 -11.88 13.65 3.82
N PRO A 85 -11.30 14.56 4.64
CA PRO A 85 -10.83 14.12 5.98
C PRO A 85 -11.91 13.43 6.83
N GLY A 86 -11.56 12.30 7.45
CA GLY A 86 -12.47 11.55 8.34
C GLY A 86 -12.01 11.54 9.79
N LYS A 87 -12.71 10.77 10.61
CA LYS A 87 -12.49 10.70 12.07
C LYS A 87 -11.31 9.82 12.46
N SER A 88 -11.20 8.65 11.84
CA SER A 88 -10.34 7.57 12.35
C SER A 88 -10.08 6.46 11.31
N LEU A 89 -9.20 5.54 11.70
CA LEU A 89 -8.97 4.33 10.96
C LEU A 89 -10.21 3.45 11.02
N ASP A 90 -10.80 3.40 12.20
CA ASP A 90 -12.00 2.60 12.41
C ASP A 90 -13.16 3.00 11.49
N GLU A 91 -13.40 4.31 11.34
CA GLU A 91 -14.39 4.82 10.43
C GLU A 91 -14.06 4.43 8.98
N PHE A 92 -12.78 4.52 8.60
CA PHE A 92 -12.39 4.17 7.23
C PHE A 92 -12.71 2.71 6.94
N VAL A 93 -12.24 1.85 7.82
CA VAL A 93 -12.42 0.40 7.69
C VAL A 93 -13.91 0.03 7.61
N GLU A 94 -14.77 0.60 8.47
CA GLU A 94 -16.22 0.29 8.40
C GLU A 94 -16.92 0.87 7.13
N LYS A 95 -16.57 2.08 6.72
CA LYS A 95 -17.10 2.63 5.45
C LYS A 95 -16.68 1.85 4.20
N ALA A 96 -15.43 1.38 4.20
CA ALA A 96 -14.88 0.62 3.08
C ALA A 96 -15.72 -0.60 2.73
N LEU A 97 -16.40 -1.18 3.72
CA LEU A 97 -17.26 -2.34 3.52
C LEU A 97 -18.37 -2.17 2.51
N ARG A 98 -18.81 -0.94 2.23
CA ARG A 98 -19.94 -0.76 1.32
C ARG A 98 -19.56 -0.87 -0.16
N LEU A 99 -18.40 -0.38 -0.57
CA LEU A 99 -17.96 -0.53 -1.96
C LEU A 99 -17.64 -1.97 -2.39
N THR A 100 -17.67 -2.91 -1.45
CA THR A 100 -17.64 -4.32 -1.84
C THR A 100 -18.82 -4.71 -2.77
N ASP A 101 -19.85 -3.86 -2.84
CA ASP A 101 -20.89 -3.95 -3.86
C ASP A 101 -20.32 -4.18 -5.24
N ILE A 102 -19.16 -3.59 -5.55
CA ILE A 102 -18.59 -3.71 -6.90
C ILE A 102 -17.99 -5.08 -7.22
N TYR A 103 -17.63 -5.88 -6.22
CA TYR A 103 -16.96 -7.19 -6.46
C TYR A 103 -17.98 -8.26 -6.79
N ILE A 104 -18.53 -8.13 -7.99
CA ILE A 104 -19.78 -8.78 -8.39
C ILE A 104 -19.54 -10.04 -9.23
N ASP A 105 -18.44 -10.04 -10.00
CA ASP A 105 -18.00 -11.23 -10.70
C ASP A 105 -16.46 -11.19 -10.88
N TYR A 106 -15.91 -12.20 -11.56
CA TYR A 106 -14.46 -12.35 -11.70
C TYR A 106 -13.85 -11.49 -12.81
N THR A 107 -14.70 -10.97 -13.70
CA THR A 107 -14.29 -10.02 -14.74
C THR A 107 -14.00 -8.64 -14.17
N VAL A 108 -14.86 -8.17 -13.27
CA VAL A 108 -14.58 -6.93 -12.51
C VAL A 108 -13.24 -7.01 -11.79
N VAL A 109 -12.95 -8.16 -11.20
CA VAL A 109 -11.70 -8.37 -10.47
C VAL A 109 -10.47 -8.38 -11.39
N GLU A 110 -10.57 -9.07 -12.52
CA GLU A 110 -9.46 -9.15 -13.47
C GLU A 110 -9.14 -7.77 -14.08
N ASP A 111 -10.19 -7.04 -14.46
CA ASP A 111 -10.05 -5.68 -14.99
C ASP A 111 -9.42 -4.74 -13.99
N LEU A 112 -9.92 -4.79 -12.75
CA LEU A 112 -9.37 -4.00 -11.65
C LEU A 112 -7.86 -4.16 -11.60
N ALA A 113 -7.40 -5.41 -11.59
CA ALA A 113 -5.98 -5.70 -11.45
C ALA A 113 -5.16 -5.16 -12.61
N LYS A 114 -5.64 -5.40 -13.83
CA LYS A 114 -4.99 -4.97 -15.07
C LYS A 114 -4.87 -3.45 -15.16
N HIS A 115 -5.97 -2.75 -14.86
CA HIS A 115 -5.97 -1.29 -14.93
C HIS A 115 -5.09 -0.66 -13.86
N ALA A 116 -5.07 -1.26 -12.68
CA ALA A 116 -4.22 -0.79 -11.58
C ALA A 116 -2.75 -0.76 -11.99
N VAL A 117 -2.31 -1.77 -12.74
CA VAL A 117 -0.93 -1.84 -13.22
C VAL A 117 -0.66 -0.68 -14.20
N PHE A 118 -1.57 -0.51 -15.16
CA PHE A 118 -1.50 0.60 -16.15
C PHE A 118 -1.44 1.99 -15.50
N ASN A 119 -2.28 2.21 -14.50
CA ASN A 119 -2.31 3.48 -13.80
C ASN A 119 -0.99 3.75 -13.07
N LYS A 120 -0.39 2.70 -12.50
CA LYS A 120 0.88 2.82 -11.77
C LYS A 120 2.09 3.02 -12.67
N TYR A 121 2.08 2.36 -13.83
CA TYR A 121 3.08 2.60 -14.86
C TYR A 121 3.07 4.06 -15.32
N LYS A 122 1.88 4.60 -15.60
CA LYS A 122 1.72 6.02 -16.04
C LYS A 122 2.16 7.07 -14.99
N GLU A 123 2.10 6.69 -13.70
CA GLU A 123 2.61 7.50 -12.62
C GLU A 123 4.14 7.39 -12.44
N GLY A 124 4.79 6.52 -13.21
CA GLY A 124 6.25 6.36 -13.14
C GLY A 124 6.74 5.39 -12.09
N VAL A 125 5.93 4.38 -11.74
CA VAL A 125 6.33 3.27 -10.89
C VAL A 125 7.01 2.17 -11.75
N VAL A 126 8.12 1.66 -11.24
CA VAL A 126 8.87 0.57 -11.89
C VAL A 126 8.86 -0.78 -11.15
N LEU A 127 8.70 -0.73 -9.82
CA LEU A 127 8.51 -1.91 -8.98
C LEU A 127 7.29 -1.64 -8.08
N MET A 128 6.23 -2.41 -8.28
CA MET A 128 4.98 -2.18 -7.59
C MET A 128 4.63 -3.42 -6.79
N GLU A 129 4.50 -3.28 -5.47
CA GLU A 129 3.89 -4.33 -4.66
C GLU A 129 2.42 -4.02 -4.37
N PHE A 130 1.54 -4.91 -4.81
CA PHE A 130 0.12 -4.79 -4.56
C PHE A 130 -0.24 -5.78 -3.48
N ARG A 131 -1.27 -5.44 -2.72
CA ARG A 131 -1.79 -6.33 -1.71
C ARG A 131 -3.28 -6.35 -1.84
N TYR A 132 -3.87 -7.55 -1.68
CA TYR A 132 -5.30 -7.69 -1.64
C TYR A 132 -5.76 -8.61 -0.55
N SER A 133 -7.02 -8.39 -0.18
CA SER A 133 -7.71 -9.15 0.83
C SER A 133 -8.78 -10.05 0.19
N PRO A 134 -8.57 -11.38 0.21
CA PRO A 134 -9.57 -12.30 -0.31
C PRO A 134 -10.94 -12.20 0.34
N SER A 135 -10.95 -12.07 1.67
CA SER A 135 -12.20 -11.90 2.42
C SER A 135 -12.94 -10.59 2.09
N PHE A 136 -12.19 -9.50 1.92
CA PHE A 136 -12.81 -8.23 1.54
C PHE A 136 -13.56 -8.35 0.22
N MET A 137 -12.91 -8.98 -0.74
CA MET A 137 -13.42 -9.05 -2.09
C MET A 137 -14.49 -10.11 -2.25
N SER A 138 -14.53 -11.11 -1.36
CA SER A 138 -15.40 -12.31 -1.53
C SER A 138 -16.75 -12.26 -0.82
N PHE A 139 -16.84 -11.56 0.30
CA PHE A 139 -17.96 -11.76 1.19
C PHE A 139 -19.29 -11.17 0.68
N LYS A 140 -19.21 -10.03 -0.03
CA LYS A 140 -20.42 -9.30 -0.43
C LYS A 140 -21.29 -10.08 -1.40
N HIS A 141 -20.68 -10.61 -2.45
CA HIS A 141 -21.39 -11.40 -3.46
C HIS A 141 -20.98 -12.88 -3.42
N ASN A 142 -20.44 -13.31 -2.29
CA ASN A 142 -20.16 -14.71 -2.05
C ASN A 142 -19.27 -15.31 -3.15
N LEU A 143 -18.27 -14.57 -3.61
CA LEU A 143 -17.36 -15.05 -4.64
C LEU A 143 -16.36 -16.05 -4.06
N ASP A 144 -15.88 -16.96 -4.91
CA ASP A 144 -14.90 -17.94 -4.50
C ASP A 144 -13.50 -17.29 -4.40
N LYS A 145 -12.82 -17.44 -3.26
CA LYS A 145 -11.51 -16.80 -3.04
C LYS A 145 -10.43 -17.20 -4.03
N ASP A 146 -10.40 -18.48 -4.41
CA ASP A 146 -9.44 -18.99 -5.40
C ASP A 146 -9.72 -18.49 -6.81
N LEU A 147 -10.99 -18.34 -7.15
CA LEU A 147 -11.37 -17.75 -8.43
C LEU A 147 -11.07 -16.25 -8.49
N ILE A 148 -11.23 -15.55 -7.36
CA ILE A 148 -10.75 -14.18 -7.23
C ILE A 148 -9.24 -14.12 -7.49
N HIS A 149 -8.50 -14.93 -6.75
CA HIS A 149 -7.07 -15.02 -6.90
C HIS A 149 -6.67 -15.27 -8.34
N GLU A 150 -7.28 -16.25 -8.99
CA GLU A 150 -7.04 -16.51 -10.40
C GLU A 150 -7.25 -15.24 -11.24
N ALA A 151 -8.37 -14.56 -11.05
CA ALA A 151 -8.66 -13.34 -11.79
C ALA A 151 -7.61 -12.25 -11.55
N ILE A 152 -7.16 -12.12 -10.30
CA ILE A 152 -6.19 -11.10 -9.93
C ILE A 152 -4.87 -11.39 -10.61
N VAL A 153 -4.43 -12.65 -10.59
CA VAL A 153 -3.13 -13.03 -11.14
C VAL A 153 -3.12 -12.91 -12.67
N LYS A 154 -4.25 -13.19 -13.32
CA LYS A 154 -4.38 -12.97 -14.78
C LYS A 154 -4.31 -11.51 -15.18
N GLY A 155 -5.01 -10.64 -14.43
CA GLY A 155 -5.05 -9.21 -14.71
C GLY A 155 -3.68 -8.58 -14.61
N LEU A 156 -2.98 -8.87 -13.52
CA LEU A 156 -1.64 -8.30 -13.25
C LEU A 156 -0.61 -8.73 -14.30
N ASN A 157 -0.61 -10.02 -14.61
CA ASN A 157 0.24 -10.59 -15.66
C ASN A 157 -0.13 -10.14 -17.05
N GLU A 158 -1.43 -10.01 -17.33
CA GLU A 158 -1.94 -9.38 -18.56
C GLU A 158 -1.18 -8.06 -18.76
N ALA A 159 -1.34 -7.17 -17.78
CA ALA A 159 -0.86 -5.80 -17.87
C ALA A 159 0.66 -5.71 -17.95
N VAL A 160 1.35 -6.52 -17.16
CA VAL A 160 2.81 -6.50 -17.15
C VAL A 160 3.37 -6.86 -18.54
N ALA A 161 2.82 -7.94 -19.13
CA ALA A 161 3.25 -8.42 -20.45
C ALA A 161 2.92 -7.39 -21.52
N LEU A 162 1.72 -6.81 -21.46
CA LEU A 162 1.32 -5.76 -22.40
C LEU A 162 2.24 -4.52 -22.31
N LEU A 163 2.71 -4.21 -21.10
CA LEU A 163 3.69 -3.15 -20.88
C LEU A 163 5.16 -3.57 -21.12
N GLU A 164 5.37 -4.77 -21.67
CA GLU A 164 6.70 -5.30 -22.04
C GLU A 164 7.63 -5.36 -20.84
N TYR A 165 7.04 -5.64 -19.67
CA TYR A 165 7.77 -5.75 -18.41
C TYR A 165 8.49 -4.44 -18.03
N LYS A 166 7.93 -3.29 -18.42
CA LYS A 166 8.48 -1.98 -18.05
C LYS A 166 8.13 -1.57 -16.59
N ILE A 167 7.15 -2.25 -16.03
CA ILE A 167 6.84 -2.24 -14.61
C ILE A 167 6.85 -3.70 -14.13
N GLN A 168 7.45 -3.95 -12.96
CA GLN A 168 7.42 -5.28 -12.32
C GLN A 168 6.46 -5.22 -11.11
N VAL A 169 5.73 -6.33 -10.91
CA VAL A 169 4.69 -6.43 -9.90
C VAL A 169 4.97 -7.59 -8.96
N GLY A 170 4.96 -7.29 -7.67
CA GLY A 170 4.89 -8.31 -6.62
C GLY A 170 3.50 -8.29 -6.05
N LEU A 171 3.11 -9.40 -5.41
CA LEU A 171 1.78 -9.53 -4.82
C LEU A 171 1.84 -10.00 -3.36
N LEU A 172 1.05 -9.37 -2.52
CA LEU A 172 0.95 -9.68 -1.10
C LEU A 172 -0.50 -10.10 -0.73
N CYS A 173 -0.62 -11.03 0.20
CA CYS A 173 -1.93 -11.41 0.74
C CYS A 173 -2.19 -10.64 2.05
N THR A 174 -3.19 -9.77 2.02
CA THR A 174 -3.75 -9.23 3.24
C THR A 174 -4.79 -10.23 3.83
N GLY A 175 -4.36 -11.03 4.79
CA GLY A 175 -5.22 -12.04 5.41
C GLY A 175 -6.18 -11.44 6.42
N ASP A 176 -7.42 -11.94 6.45
CA ASP A 176 -8.51 -11.42 7.31
C ASP A 176 -9.60 -12.50 7.56
N GLY A 177 -10.83 -12.27 7.10
CA GLY A 177 -12.01 -13.00 7.57
C GLY A 177 -12.51 -12.74 9.00
N GLY A 178 -11.68 -12.11 9.84
CA GLY A 178 -11.92 -12.03 11.29
C GLY A 178 -10.68 -12.35 12.12
N LEU A 179 -10.80 -12.10 13.40
CA LEU A 179 -9.77 -12.38 14.40
C LEU A 179 -10.01 -13.63 15.23
N SER A 180 -10.99 -14.47 14.87
CA SER A 180 -11.01 -15.84 15.42
C SER A 180 -9.75 -16.58 14.96
N HIS A 181 -9.31 -17.51 15.79
CA HIS A 181 -8.20 -18.39 15.45
C HIS A 181 -8.46 -19.18 14.17
N GLU A 182 -9.68 -19.68 14.01
CA GLU A 182 -10.04 -20.42 12.80
C GLU A 182 -9.93 -19.54 11.54
N ARG A 183 -10.56 -18.36 11.57
CA ARG A 183 -10.52 -17.42 10.45
C ARG A 183 -9.09 -17.01 10.06
N MET A 184 -8.28 -16.65 11.06
CA MET A 184 -6.89 -16.24 10.85
C MET A 184 -6.01 -17.41 10.33
N LYS A 185 -6.27 -18.63 10.81
CA LYS A 185 -5.60 -19.83 10.30
C LYS A 185 -5.91 -20.06 8.82
N GLU A 186 -7.20 -19.98 8.48
CA GLU A 186 -7.69 -20.11 7.11
C GLU A 186 -7.06 -19.09 6.17
N ALA A 187 -6.95 -17.85 6.65
CA ALA A 187 -6.41 -16.75 5.90
C ALA A 187 -4.91 -16.98 5.57
N ALA A 188 -4.17 -17.42 6.59
CA ALA A 188 -2.77 -17.81 6.43
C ALA A 188 -2.61 -19.03 5.54
N GLU A 189 -3.54 -19.99 5.62
CA GLU A 189 -3.53 -21.15 4.74
C GLU A 189 -3.83 -20.79 3.29
N PHE A 190 -4.69 -19.82 3.06
CA PHE A 190 -4.93 -19.32 1.71
C PHE A 190 -3.65 -18.75 1.09
N CYS A 191 -2.96 -17.90 1.84
CA CYS A 191 -1.67 -17.34 1.40
C CYS A 191 -0.60 -18.42 1.13
N ILE A 192 -0.41 -19.34 2.07
CA ILE A 192 0.57 -20.43 1.94
C ILE A 192 0.29 -21.27 0.69
N LYS A 193 -0.98 -21.62 0.54
CA LYS A 193 -1.48 -22.36 -0.62
C LYS A 193 -1.09 -21.68 -1.94
N HIS A 194 -1.17 -20.35 -1.96
CA HIS A 194 -0.85 -19.53 -3.14
C HIS A 194 0.54 -18.86 -3.06
N LYS A 195 1.50 -19.48 -2.37
CA LYS A 195 2.80 -18.84 -2.14
C LYS A 195 3.66 -18.65 -3.38
N LYS A 196 3.35 -19.41 -4.43
CA LYS A 196 3.96 -19.22 -5.73
C LYS A 196 3.70 -17.80 -6.24
N ASP A 197 2.54 -17.23 -5.93
CA ASP A 197 2.18 -15.86 -6.33
C ASP A 197 2.39 -14.82 -5.21
N PHE A 198 2.19 -15.19 -3.94
CA PHE A 198 2.36 -14.26 -2.83
C PHE A 198 3.78 -14.23 -2.30
N VAL A 199 4.43 -13.06 -2.39
CA VAL A 199 5.77 -12.81 -1.85
C VAL A 199 5.75 -12.28 -0.40
N GLY A 200 4.55 -12.00 0.11
CA GLY A 200 4.41 -11.52 1.44
C GLY A 200 3.01 -11.62 1.99
N TYR A 201 2.93 -11.43 3.31
CA TYR A 201 1.70 -11.53 4.06
C TYR A 201 1.50 -10.32 4.97
N ASP A 202 0.25 -9.86 5.04
CA ASP A 202 -0.15 -8.63 5.73
C ASP A 202 -1.34 -8.88 6.65
N HIS A 203 -1.52 -7.99 7.62
CA HIS A 203 -2.77 -7.86 8.34
C HIS A 203 -3.18 -6.37 8.33
N ALA A 204 -4.44 -6.10 8.02
CA ALA A 204 -4.98 -4.74 7.86
C ALA A 204 -6.31 -4.63 8.62
N GLY A 205 -7.28 -3.87 8.12
CA GLY A 205 -8.54 -3.66 8.83
C GLY A 205 -8.34 -2.88 10.12
N HIS A 206 -9.18 -3.16 11.12
CA HIS A 206 -9.01 -2.58 12.44
C HIS A 206 -7.68 -3.07 13.01
N GLU A 207 -6.94 -2.20 13.67
CA GLU A 207 -5.58 -2.52 14.12
C GLU A 207 -5.60 -3.38 15.39
N VAL A 208 -4.76 -4.41 15.38
CA VAL A 208 -4.71 -5.41 16.43
C VAL A 208 -3.28 -5.72 16.84
N ASP A 209 -3.08 -5.98 18.13
CA ASP A 209 -1.84 -6.60 18.62
C ASP A 209 -1.97 -8.08 18.24
N LEU A 210 -1.16 -8.53 17.27
CA LEU A 210 -1.23 -9.92 16.73
C LEU A 210 -0.53 -11.02 17.57
N LYS A 211 -0.19 -10.73 18.83
CA LYS A 211 0.42 -11.72 19.73
C LYS A 211 -0.29 -13.08 19.83
N PRO A 212 -1.66 -13.10 19.87
CA PRO A 212 -2.37 -14.39 19.93
C PRO A 212 -2.27 -15.28 18.70
N PHE A 213 -1.71 -14.76 17.60
CA PHE A 213 -1.52 -15.48 16.34
C PHE A 213 -0.04 -15.70 15.95
N LYS A 214 0.89 -15.55 16.90
CA LYS A 214 2.30 -15.85 16.68
C LYS A 214 2.54 -17.23 16.03
N ASP A 215 1.81 -18.26 16.49
CA ASP A 215 1.89 -19.61 15.94
C ASP A 215 1.58 -19.63 14.43
N ILE A 216 0.58 -18.88 14.01
CA ILE A 216 0.19 -18.80 12.60
C ILE A 216 1.27 -18.08 11.79
N PHE A 217 1.78 -16.97 12.30
CA PHE A 217 2.78 -16.17 11.57
C PHE A 217 4.13 -16.88 11.48
N ASP A 218 4.50 -17.64 12.51
CA ASP A 218 5.67 -18.52 12.49
C ASP A 218 5.58 -19.41 11.26
N ASN A 219 4.40 -20.03 11.14
CA ASN A 219 4.08 -20.92 10.03
C ASN A 219 4.33 -20.32 8.66
N ILE A 220 3.90 -19.07 8.51
CA ILE A 220 4.04 -18.32 7.27
C ILE A 220 5.50 -18.07 6.89
N ARG A 221 6.32 -17.70 7.87
CA ARG A 221 7.76 -17.54 7.67
C ARG A 221 8.43 -18.89 7.40
N GLU A 222 8.06 -19.93 8.16
CA GLU A 222 8.51 -21.30 7.90
C GLU A 222 8.29 -21.67 6.44
N GLU A 223 7.21 -21.19 5.88
CA GLU A 223 6.83 -21.46 4.51
C GLU A 223 7.53 -20.53 3.46
N GLY A 224 8.44 -19.67 3.93
CA GLY A 224 9.26 -18.79 3.09
C GLY A 224 8.67 -17.43 2.74
N ILE A 225 7.63 -17.02 3.45
CA ILE A 225 6.87 -15.83 3.07
C ILE A 225 7.17 -14.72 4.08
N SER A 226 7.57 -13.57 3.55
CA SER A 226 7.91 -12.43 4.37
C SER A 226 6.66 -11.78 4.91
N ILE A 227 6.82 -11.12 6.06
CA ILE A 227 5.69 -10.47 6.72
C ILE A 227 5.87 -8.95 6.72
N SER A 228 4.85 -8.25 6.26
CA SER A 228 4.67 -6.84 6.60
C SER A 228 3.23 -6.64 7.05
N VAL A 229 3.04 -6.30 8.33
CA VAL A 229 1.70 -6.00 8.86
C VAL A 229 1.48 -4.52 9.12
N HIS A 230 0.20 -4.13 9.14
CA HIS A 230 -0.22 -2.82 9.58
C HIS A 230 -0.08 -2.75 11.11
N ALA A 231 0.69 -1.77 11.57
CA ALA A 231 0.94 -1.59 12.99
C ALA A 231 1.44 -0.18 13.21
N GLY A 232 1.13 0.37 14.37
CA GLY A 232 1.55 1.74 14.73
C GLY A 232 1.00 2.80 13.81
N GLU A 233 -0.26 2.64 13.42
CA GLU A 233 -0.94 3.60 12.57
C GLU A 233 -2.01 4.35 13.36
N ASP A 234 -2.91 3.58 13.97
CA ASP A 234 -4.04 4.11 14.69
C ASP A 234 -3.59 4.81 15.96
N VAL A 235 -3.71 6.14 15.98
CA VAL A 235 -3.30 6.96 17.14
C VAL A 235 -4.29 6.97 18.32
N SER A 236 -5.48 6.39 18.17
CA SER A 236 -6.42 6.24 19.29
C SER A 236 -6.08 5.11 20.28
N ILE A 237 -5.04 4.32 20.02
CA ILE A 237 -4.73 3.17 20.86
C ILE A 237 -3.77 3.60 21.95
N PRO A 238 -4.13 3.40 23.24
CA PRO A 238 -3.31 3.94 24.35
C PRO A 238 -2.04 3.13 24.70
N ASN A 239 -1.40 2.52 23.71
CA ASN A 239 -0.13 1.80 23.89
C ASN A 239 0.58 1.69 22.53
N LEU A 240 1.74 1.04 22.50
CA LEU A 240 2.46 0.74 21.26
C LEU A 240 2.69 -0.78 21.09
N ASN A 241 1.78 -1.59 21.63
CA ASN A 241 1.98 -3.02 21.71
C ASN A 241 1.97 -3.75 20.38
N SER A 242 1.11 -3.31 19.46
CA SER A 242 1.08 -3.90 18.12
C SER A 242 2.46 -3.80 17.45
N LEU A 243 3.20 -2.72 17.72
CA LEU A 243 4.56 -2.53 17.20
C LEU A 243 5.59 -3.49 17.79
N TYR A 244 5.64 -3.59 19.11
CA TYR A 244 6.51 -4.58 19.76
C TYR A 244 6.24 -6.00 19.24
N THR A 245 4.97 -6.36 19.13
CA THR A 245 4.61 -7.69 18.62
C THR A 245 5.07 -7.90 17.18
N ALA A 246 4.85 -6.89 16.33
CA ALA A 246 5.24 -6.99 14.92
C ALA A 246 6.75 -7.18 14.76
N ILE A 247 7.50 -6.46 15.59
CA ILE A 247 8.97 -6.52 15.54
C ILE A 247 9.53 -7.79 16.20
N ASN A 248 9.18 -8.03 17.46
CA ASN A 248 9.82 -9.09 18.24
C ASN A 248 9.24 -10.48 18.08
N LEU A 249 7.94 -10.57 17.84
CA LEU A 249 7.24 -11.86 17.78
C LEU A 249 6.94 -12.29 16.33
N LEU A 250 6.57 -11.35 15.48
CA LEU A 250 6.27 -11.66 14.08
C LEU A 250 7.50 -11.61 13.18
N HIS A 251 8.58 -10.99 13.65
CA HIS A 251 9.81 -10.81 12.85
C HIS A 251 9.51 -10.20 11.49
N VAL A 252 8.78 -9.11 11.50
CA VAL A 252 8.43 -8.41 10.26
C VAL A 252 9.70 -7.88 9.60
N LYS A 253 9.70 -7.85 8.27
CA LYS A 253 10.75 -7.21 7.51
C LYS A 253 10.40 -5.75 7.20
N ARG A 254 9.10 -5.47 7.11
CA ARG A 254 8.59 -4.11 6.99
C ARG A 254 7.35 -3.95 7.86
N ILE A 255 6.97 -2.69 8.12
CA ILE A 255 5.75 -2.39 8.84
C ILE A 255 4.93 -1.43 7.99
N GLY A 256 3.65 -1.79 7.79
CA GLY A 256 2.67 -0.88 7.22
C GLY A 256 2.39 0.32 8.14
N HIS A 257 2.65 1.52 7.61
CA HIS A 257 2.65 2.78 8.36
C HIS A 257 3.78 2.82 9.42
N GLY A 258 3.53 2.31 10.63
CA GLY A 258 4.51 2.35 11.70
C GLY A 258 4.95 3.73 12.12
N ILE A 259 4.07 4.72 11.94
CA ILE A 259 4.41 6.11 12.23
C ILE A 259 4.55 6.38 13.72
N ARG A 260 3.91 5.55 14.54
CA ARG A 260 4.00 5.68 16.01
C ARG A 260 5.30 5.17 16.61
N VAL A 261 6.17 4.60 15.78
CA VAL A 261 7.57 4.39 16.13
C VAL A 261 8.16 5.70 16.62
N SER A 262 7.79 6.80 15.97
CA SER A 262 8.22 8.15 16.36
C SER A 262 7.97 8.53 17.82
N GLU A 263 7.04 7.86 18.51
CA GLU A 263 6.70 8.17 19.90
C GLU A 263 7.58 7.48 20.91
N SER A 264 8.49 6.61 20.45
CA SER A 264 9.35 5.80 21.32
C SER A 264 10.80 5.73 20.79
N GLN A 265 11.74 6.27 21.57
CA GLN A 265 13.19 6.08 21.34
C GLN A 265 13.57 4.58 21.28
N GLU A 266 13.05 3.80 22.22
CA GLU A 266 13.27 2.36 22.20
C GLU A 266 12.86 1.68 20.87
N LEU A 267 11.71 2.04 20.31
CA LEU A 267 11.25 1.44 19.05
C LEU A 267 12.01 2.00 17.84
N ILE A 268 12.36 3.30 17.87
CA ILE A 268 13.25 3.86 16.85
C ILE A 268 14.56 3.04 16.75
N ASP A 269 15.16 2.71 17.89
CA ASP A 269 16.41 1.93 17.92
C ASP A 269 16.17 0.50 17.49
N LEU A 270 15.05 -0.07 17.90
CA LEU A 270 14.72 -1.45 17.57
C LEU A 270 14.56 -1.65 16.06
N VAL A 271 13.83 -0.74 15.39
CA VAL A 271 13.58 -0.91 13.94
C VAL A 271 14.85 -0.71 13.11
N LYS A 272 15.71 0.20 13.56
CA LYS A 272 17.02 0.40 12.91
C LYS A 272 17.99 -0.77 13.13
N GLU A 273 18.03 -1.27 14.36
CA GLU A 273 18.81 -2.46 14.70
C GLU A 273 18.43 -3.66 13.81
N LYS A 274 17.14 -3.81 13.52
CA LYS A 274 16.63 -4.93 12.69
C LYS A 274 16.50 -4.59 11.23
N ASP A 275 16.85 -3.36 10.87
CA ASP A 275 16.82 -2.87 9.49
C ASP A 275 15.42 -3.04 8.91
N ILE A 276 14.42 -2.71 9.73
CA ILE A 276 13.01 -2.76 9.30
C ILE A 276 12.68 -1.45 8.60
N LEU A 277 11.93 -1.55 7.51
CA LEU A 277 11.49 -0.36 6.75
C LEU A 277 10.03 -0.05 7.05
N LEU A 278 9.73 1.24 7.18
CA LEU A 278 8.37 1.71 7.49
C LEU A 278 7.66 2.17 6.20
N GLU A 279 6.57 1.48 5.86
CA GLU A 279 5.77 1.81 4.68
C GLU A 279 4.87 3.01 4.98
N VAL A 280 5.44 4.19 4.88
CA VAL A 280 4.74 5.42 5.25
C VAL A 280 3.73 5.85 4.15
N CYS A 281 2.51 6.19 4.59
CA CYS A 281 1.43 6.62 3.69
C CYS A 281 0.93 8.01 4.09
N PRO A 282 1.68 9.05 3.66
CA PRO A 282 1.41 10.41 4.18
C PRO A 282 -0.06 10.87 4.14
N ILE A 283 -0.68 10.82 2.95
CA ILE A 283 -2.05 11.31 2.76
C ILE A 283 -3.07 10.46 3.51
N SER A 284 -2.90 9.14 3.52
CA SER A 284 -3.75 8.25 4.32
C SER A 284 -3.82 8.73 5.78
N ASN A 285 -2.66 8.97 6.38
CA ASN A 285 -2.54 9.41 7.77
C ASN A 285 -3.28 10.73 8.05
N VAL A 286 -3.35 11.64 7.08
CA VAL A 286 -4.08 12.90 7.23
C VAL A 286 -5.57 12.62 7.18
N LEU A 287 -6.00 11.97 6.10
CA LEU A 287 -7.41 11.69 5.86
C LEU A 287 -8.03 10.82 6.96
N LEU A 288 -7.28 9.87 7.50
CA LEU A 288 -7.74 8.99 8.58
C LEU A 288 -7.43 9.55 9.96
N ASN A 289 -6.93 10.78 10.01
CA ASN A 289 -6.80 11.53 11.24
C ASN A 289 -5.79 10.90 12.22
N ASN A 290 -4.71 10.34 11.66
CA ASN A 290 -3.61 9.78 12.47
C ASN A 290 -2.39 10.71 12.66
N VAL A 291 -2.41 11.87 11.99
CA VAL A 291 -1.52 13.02 12.28
C VAL A 291 -2.38 14.29 12.24
N LYS A 292 -1.92 15.36 12.89
CA LYS A 292 -2.69 16.62 12.89
C LYS A 292 -2.73 17.30 11.51
N SER A 293 -1.60 17.29 10.82
CA SER A 293 -1.51 17.87 9.48
C SER A 293 -0.28 17.29 8.81
N MET A 294 -0.11 17.56 7.52
CA MET A 294 1.07 17.12 6.81
C MET A 294 2.35 17.78 7.34
N ASP A 295 2.23 19.04 7.80
CA ASP A 295 3.31 19.80 8.47
C ASP A 295 3.91 19.08 9.67
N THR A 296 3.07 18.40 10.44
CA THR A 296 3.48 17.69 11.64
C THR A 296 3.60 16.18 11.45
N HIS A 297 3.69 15.70 10.20
CA HIS A 297 3.77 14.26 9.96
C HIS A 297 5.12 13.68 10.48
N PRO A 298 5.11 12.54 11.22
CA PRO A 298 6.36 12.04 11.83
C PRO A 298 7.45 11.54 10.86
N ILE A 299 7.09 11.28 9.60
CA ILE A 299 8.05 10.80 8.60
C ILE A 299 9.33 11.62 8.58
N ARG A 300 9.20 12.93 8.75
CA ARG A 300 10.34 13.85 8.81
C ARG A 300 11.30 13.50 9.93
N MET A 301 10.79 13.44 11.16
CA MET A 301 11.64 13.10 12.30
C MET A 301 12.17 11.66 12.22
N LEU A 302 11.40 10.75 11.62
CA LEU A 302 11.80 9.34 11.45
C LEU A 302 12.92 9.20 10.42
N TYR A 303 12.77 9.85 9.28
CA TYR A 303 13.84 9.93 8.29
C TYR A 303 15.12 10.54 8.91
N ASP A 304 14.97 11.69 9.58
CA ASP A 304 16.09 12.39 10.20
C ASP A 304 16.78 11.62 11.29
N ALA A 305 16.05 10.72 11.95
CA ALA A 305 16.59 9.80 12.97
C ALA A 305 17.24 8.52 12.40
N GLY A 306 17.32 8.38 11.08
CA GLY A 306 17.88 7.18 10.44
C GLY A 306 16.95 5.99 10.20
N VAL A 307 15.65 6.13 10.47
CA VAL A 307 14.71 5.07 10.16
C VAL A 307 14.50 5.04 8.65
N LYS A 308 14.61 3.85 8.07
CA LYS A 308 14.25 3.63 6.67
C LYS A 308 12.75 3.70 6.52
N VAL A 309 12.32 4.56 5.58
CA VAL A 309 10.92 4.78 5.26
C VAL A 309 10.76 4.86 3.73
N SER A 310 9.61 4.44 3.22
CA SER A 310 9.26 4.67 1.83
C SER A 310 7.90 5.35 1.74
N VAL A 311 7.63 5.90 0.56
CA VAL A 311 6.42 6.68 0.28
C VAL A 311 5.38 5.82 -0.47
N ASN A 312 4.14 5.84 0.02
CA ASN A 312 3.05 5.03 -0.52
C ASN A 312 1.70 5.75 -0.52
N SER A 313 0.75 5.22 -1.28
CA SER A 313 -0.56 5.83 -1.53
C SER A 313 -1.70 5.16 -0.74
N ASP A 314 -1.49 3.91 -0.34
CA ASP A 314 -2.39 3.15 0.53
C ASP A 314 -3.72 2.75 -0.14
N ASP A 315 -4.66 3.69 -0.29
CA ASP A 315 -6.01 3.42 -0.82
C ASP A 315 -6.42 4.49 -1.84
N PRO A 316 -5.71 4.54 -2.98
CA PRO A 316 -5.84 5.66 -3.88
C PRO A 316 -7.23 5.86 -4.48
N GLY A 317 -7.90 4.77 -4.80
CA GLY A 317 -9.28 4.80 -5.27
C GLY A 317 -10.29 5.35 -4.26
N MET A 318 -10.06 5.14 -2.97
CA MET A 318 -10.93 5.76 -1.96
C MET A 318 -10.54 7.21 -1.67
N PHE A 319 -9.24 7.52 -1.68
CA PHE A 319 -8.80 8.86 -1.34
C PHE A 319 -8.90 9.87 -2.50
N LEU A 320 -9.06 9.40 -3.73
CA LEU A 320 -8.89 10.21 -4.93
C LEU A 320 -7.55 10.96 -4.92
N THR A 321 -6.49 10.23 -4.58
CA THR A 321 -5.13 10.72 -4.61
C THR A 321 -4.27 9.61 -5.10
N ASN A 322 -3.15 9.94 -5.72
CA ASN A 322 -2.27 8.94 -6.33
C ASN A 322 -0.89 9.03 -5.67
N ILE A 323 0.03 8.18 -6.10
CA ILE A 323 1.38 8.16 -5.50
C ILE A 323 2.10 9.51 -5.67
N THR A 324 2.05 10.12 -6.85
CA THR A 324 2.71 11.41 -7.06
C THR A 324 2.15 12.53 -6.18
N ASP A 325 0.85 12.49 -5.84
CA ASP A 325 0.28 13.44 -4.87
C ASP A 325 0.95 13.41 -3.50
N ASN A 326 1.33 12.20 -3.07
CA ASN A 326 2.01 12.00 -1.80
C ASN A 326 3.40 12.61 -1.84
N TYR A 327 4.05 12.50 -3.00
CA TYR A 327 5.33 13.18 -3.21
C TYR A 327 5.20 14.69 -3.18
N GLU A 328 4.14 15.22 -3.82
CA GLU A 328 3.90 16.66 -3.81
C GLU A 328 3.75 17.17 -2.37
N GLU A 329 2.94 16.46 -1.58
CA GLU A 329 2.68 16.83 -0.20
C GLU A 329 3.95 16.81 0.66
N LEU A 330 4.80 15.81 0.44
CA LEU A 330 6.02 15.68 1.19
C LEU A 330 7.00 16.82 0.85
N TYR A 331 7.05 17.19 -0.44
CA TYR A 331 7.90 18.30 -0.90
C TYR A 331 7.41 19.64 -0.35
N THR A 332 6.14 19.92 -0.58
CA THR A 332 5.57 21.23 -0.26
C THR A 332 5.53 21.50 1.23
N HIS A 333 5.11 20.49 2.01
CA HIS A 333 4.88 20.69 3.43
C HIS A 333 6.02 20.20 4.34
N LEU A 334 6.86 19.26 3.89
CA LEU A 334 7.99 18.77 4.69
C LEU A 334 9.39 18.93 4.08
N ASN A 335 9.49 19.59 2.93
CA ASN A 335 10.78 19.89 2.31
C ASN A 335 11.71 18.69 2.10
N PHE A 336 11.13 17.58 1.69
CA PHE A 336 11.92 16.47 1.18
C PHE A 336 12.45 16.87 -0.21
N THR A 337 13.71 16.49 -0.48
CA THR A 337 14.39 16.83 -1.74
C THR A 337 14.28 15.67 -2.69
N LEU A 338 14.62 15.90 -3.95
CA LEU A 338 14.65 14.82 -4.94
C LEU A 338 15.60 13.70 -4.52
N ALA A 339 16.75 14.08 -3.98
CA ALA A 339 17.74 13.17 -3.44
C ALA A 339 17.18 12.33 -2.30
N ASP A 340 16.39 12.94 -1.41
CA ASP A 340 15.67 12.19 -0.38
C ASP A 340 14.73 11.17 -0.99
N PHE A 341 13.93 11.63 -1.95
CA PHE A 341 12.97 10.78 -2.63
C PHE A 341 13.63 9.60 -3.36
N MET A 342 14.79 9.84 -3.98
CA MET A 342 15.55 8.77 -4.63
C MET A 342 16.10 7.74 -3.65
N LYS A 343 16.60 8.23 -2.52
CA LYS A 343 17.07 7.39 -1.42
C LYS A 343 15.95 6.43 -0.92
N MET A 344 14.75 6.96 -0.76
CA MET A 344 13.65 6.18 -0.20
C MET A 344 13.17 5.13 -1.18
N ASN A 345 13.14 5.46 -2.47
CA ASN A 345 12.81 4.49 -3.52
C ASN A 345 13.89 3.40 -3.63
N LEU A 346 15.17 3.76 -3.51
CA LEU A 346 16.24 2.76 -3.39
C LEU A 346 16.00 1.83 -2.19
N TRP A 347 15.70 2.40 -1.02
CA TRP A 347 15.27 1.59 0.15
C TRP A 347 14.04 0.70 -0.15
N ALA A 348 13.05 1.24 -0.82
CA ALA A 348 11.85 0.48 -1.18
C ALA A 348 12.16 -0.72 -2.08
N VAL A 349 13.06 -0.54 -3.04
CA VAL A 349 13.47 -1.63 -3.94
C VAL A 349 14.26 -2.68 -3.18
N GLN A 350 15.22 -2.25 -2.38
CA GLN A 350 16.06 -3.14 -1.58
C GLN A 350 15.25 -3.99 -0.60
N LYS A 351 14.26 -3.37 0.03
CA LYS A 351 13.42 -4.03 1.01
C LYS A 351 12.18 -4.64 0.37
N SER A 352 12.10 -4.66 -0.97
CA SER A 352 11.00 -5.35 -1.67
C SER A 352 11.07 -6.86 -1.43
N PHE A 353 9.91 -7.52 -1.51
CA PHE A 353 9.83 -8.96 -1.35
C PHE A 353 9.91 -9.73 -2.67
N VAL A 354 10.08 -9.05 -3.81
CA VAL A 354 10.18 -9.75 -5.08
C VAL A 354 11.54 -10.43 -5.27
N ASP A 355 11.69 -11.16 -6.35
CA ASP A 355 12.93 -11.87 -6.66
C ASP A 355 14.16 -10.95 -6.55
N PRO A 356 15.21 -11.40 -5.85
CA PRO A 356 16.39 -10.55 -5.64
C PRO A 356 17.07 -10.02 -6.91
N ASP A 357 17.01 -10.76 -8.02
CA ASP A 357 17.53 -10.27 -9.32
C ASP A 357 16.79 -9.06 -9.88
N ILE A 358 15.46 -9.15 -9.91
CA ILE A 358 14.62 -8.03 -10.32
C ILE A 358 15.01 -6.74 -9.58
N LYS A 359 15.25 -6.85 -8.27
CA LYS A 359 15.70 -5.71 -7.49
C LYS A 359 17.02 -5.18 -8.02
N ASN A 360 18.02 -6.07 -8.08
CA ASN A 360 19.39 -5.70 -8.46
C ASN A 360 19.43 -5.09 -9.84
N LYS A 361 18.65 -5.63 -10.78
CA LYS A 361 18.60 -5.09 -12.13
C LYS A 361 17.96 -3.71 -12.17
N ILE A 362 16.88 -3.52 -11.39
CA ILE A 362 16.24 -2.20 -11.24
C ILE A 362 17.21 -1.21 -10.60
N ILE A 363 17.90 -1.63 -9.56
CA ILE A 363 18.87 -0.79 -8.85
C ILE A 363 19.94 -0.25 -9.79
N SER A 364 20.54 -1.12 -10.58
CA SER A 364 21.60 -0.68 -11.49
C SER A 364 21.05 -0.04 -12.78
N LYS A 365 19.79 -0.32 -13.14
CA LYS A 365 19.14 0.40 -14.25
C LYS A 365 18.83 1.89 -13.97
N TYR A 366 18.55 2.25 -12.71
CA TYR A 366 18.15 3.65 -12.36
C TYR A 366 18.97 4.32 -11.26
N PHE A 367 19.34 3.57 -10.23
CA PHE A 367 19.85 4.15 -8.99
C PHE A 367 21.37 4.10 -8.93
#